data_7W7Y
#
_entry.id   7W7Y
#
_cell.length_a   56.519
_cell.length_b   105.348
_cell.length_c   132.275
_cell.angle_alpha   90.0
_cell.angle_beta   90.0
_cell.angle_gamma   90.0
#
_symmetry.space_group_name_H-M   'P 2 21 21'
#
loop_
_entity.id
_entity.type
_entity.pdbx_description
1 polymer 'Tyrosine-protein kinase ABL1'
2 non-polymer 5-[3-(5-methanoyl-2-methoxy-4-oxidanyl-phenyl)-1~{H}-pyrrolo[2,3-b]pyridin-5-yl]-~{N},~{N}-dimethyl-pyridine-3-carboxamide
3 water water
#
_entity_poly.entity_id   1
_entity_poly.type   'polypeptide(L)'
_entity_poly.pdbx_seq_one_letter_code
;SPNYDKWEMERTDITMKHKLGGGQYGEVYEGVWKKYSLTVAVKTLKEDTMEVEEFLKEAAVMKEIKHPNLVQLLGVCTRE
PPFYIITEFMTYGNLLDYLRECNRQEVNAVVLLYMATQISSAMEYLEKKNFIHRDLAARNCLVGENHLVKVADFGLSRLM
TGDT(PTR)TAHAGAKFPIKWTAPESLAYNKFSIKSDVWAFGVLLWEIATYGMSPYPGIDLSQVYELLEKDYRMERPEGC
PEKVYELMRACWQWNPSDRPSFAEIHQAFETMFQESSISD
;
_entity_poly.pdbx_strand_id   A,B
#
loop_
_chem_comp.id
_chem_comp.type
_chem_comp.name
_chem_comp.formula
8IW non-polymer 5-[3-(5-methanoyl-2-methoxy-4-oxidanyl-phenyl)-1~{H}-pyrrolo[2,3-b]pyridin-5-yl]-~{N},~{N}-dimethyl-pyridine-3-carboxamide 'C23 H20 N4 O4'
#
# COMPACT_ATOMS: atom_id res chain seq x y z
N TYR A 4 -16.50 6.16 -11.06
CA TYR A 4 -16.63 6.14 -9.61
C TYR A 4 -18.05 6.46 -9.15
N ASP A 5 -18.55 7.64 -9.50
CA ASP A 5 -19.89 8.06 -9.08
C ASP A 5 -20.94 7.06 -9.55
N LYS A 6 -20.78 6.54 -10.75
CA LYS A 6 -21.70 5.52 -11.26
C LYS A 6 -21.57 4.23 -10.45
N TRP A 7 -20.42 4.04 -9.80
CA TRP A 7 -20.13 2.83 -9.05
C TRP A 7 -20.55 2.90 -7.59
N GLU A 8 -20.69 4.12 -7.07
CA GLU A 8 -20.88 4.31 -5.65
C GLU A 8 -22.27 3.90 -5.18
N MET A 9 -22.33 3.01 -4.19
CA MET A 9 -23.59 2.65 -3.52
C MET A 9 -23.64 3.17 -2.10
N GLU A 10 -24.84 3.36 -1.57
CA GLU A 10 -24.98 3.59 -0.13
C GLU A 10 -24.83 2.25 0.57
N ARG A 11 -24.23 2.24 1.76
CA ARG A 11 -23.91 0.99 2.46
C ARG A 11 -25.17 0.21 2.83
N THR A 12 -26.27 0.92 3.01
CA THR A 12 -27.52 0.29 3.43
C THR A 12 -28.19 -0.47 2.28
N ASP A 13 -27.64 -0.35 1.07
CA ASP A 13 -28.07 -1.18 -0.06
C ASP A 13 -27.74 -2.64 0.20
N ILE A 14 -26.78 -2.84 1.08
CA ILE A 14 -26.18 -4.14 1.32
C ILE A 14 -26.47 -4.65 2.72
N THR A 15 -26.81 -5.92 2.84
CA THR A 15 -26.86 -6.58 4.14
C THR A 15 -25.85 -7.73 4.12
N MET A 16 -25.11 -7.89 5.21
CA MET A 16 -24.10 -8.93 5.31
C MET A 16 -24.72 -10.24 5.78
N LYS A 17 -24.30 -11.35 5.16
CA LYS A 17 -24.96 -12.64 5.38
C LYS A 17 -24.09 -13.65 6.13
N HIS A 18 -22.92 -13.97 5.57
CA HIS A 18 -21.98 -14.93 6.15
C HIS A 18 -20.53 -14.49 5.83
N LYS A 19 -19.62 -14.56 6.80
CA LYS A 19 -18.21 -14.30 6.50
C LYS A 19 -17.58 -15.45 5.69
N LEU A 20 -16.78 -15.10 4.69
CA LEU A 20 -16.33 -16.05 3.68
C LEU A 20 -14.94 -16.62 3.97
N GLY A 21 -14.53 -17.61 3.20
CA GLY A 21 -13.12 -18.00 3.22
C GLY A 21 -12.78 -19.46 3.46
N GLY A 22 -12.94 -19.94 4.70
CA GLY A 22 -13.40 -19.15 5.82
C GLY A 22 -12.28 -18.36 6.48
N GLY A 23 -12.19 -17.08 6.12
CA GLY A 23 -11.18 -16.19 6.67
C GLY A 23 -9.92 -16.09 5.83
N GLN A 24 -9.70 -17.07 4.94
CA GLN A 24 -8.42 -17.16 4.23
C GLN A 24 -8.18 -15.99 3.30
N TYR A 25 -9.23 -15.25 2.95
CA TYR A 25 -9.08 -14.09 2.09
C TYR A 25 -9.20 -12.78 2.85
N GLY A 26 -9.30 -12.88 4.18
CA GLY A 26 -9.42 -11.70 5.02
C GLY A 26 -10.86 -11.30 5.24
N GLU A 27 -11.13 -10.00 5.19
CA GLU A 27 -12.45 -9.48 5.51
C GLU A 27 -13.41 -9.49 4.33
N VAL A 28 -13.73 -10.69 3.87
CA VAL A 28 -14.63 -10.85 2.74
C VAL A 28 -15.90 -11.58 3.18
N TYR A 29 -17.05 -10.98 2.89
CA TYR A 29 -18.33 -11.51 3.36
C TYR A 29 -19.27 -11.84 2.22
N GLU A 30 -20.03 -12.91 2.39
CA GLU A 30 -21.21 -13.13 1.58
C GLU A 30 -22.23 -12.11 2.05
N GLY A 31 -22.80 -11.36 1.12
CA GLY A 31 -23.83 -10.41 1.46
C GLY A 31 -25.00 -10.46 0.50
N VAL A 32 -25.99 -9.61 0.75
CA VAL A 32 -27.15 -9.51 -0.10
C VAL A 32 -27.34 -8.08 -0.59
N TRP A 33 -27.37 -7.91 -1.90
CA TRP A 33 -27.78 -6.66 -2.49
C TRP A 33 -29.32 -6.64 -2.48
N LYS A 34 -29.89 -5.88 -1.53
CA LYS A 34 -31.28 -6.06 -1.13
C LYS A 34 -32.31 -5.87 -2.24
N LYS A 35 -32.13 -4.83 -3.04
CA LYS A 35 -33.12 -4.49 -4.06
C LYS A 35 -33.22 -5.56 -5.15
N TYR A 36 -32.15 -6.33 -5.35
CA TYR A 36 -32.12 -7.35 -6.38
C TYR A 36 -32.16 -8.77 -5.83
N SER A 37 -32.33 -8.91 -4.52
CA SER A 37 -32.30 -10.23 -3.88
C SER A 37 -31.04 -11.00 -4.28
N LEU A 38 -29.94 -10.27 -4.48
CA LEU A 38 -28.76 -10.86 -5.08
C LEU A 38 -27.64 -11.10 -4.08
N THR A 39 -27.23 -12.36 -3.97
CA THR A 39 -26.08 -12.68 -3.16
C THR A 39 -24.84 -12.09 -3.84
N VAL A 40 -24.06 -11.34 -3.07
CA VAL A 40 -22.83 -10.71 -3.57
C VAL A 40 -21.69 -11.00 -2.60
N ALA A 41 -20.45 -10.73 -3.03
CA ALA A 41 -19.30 -10.79 -2.16
C ALA A 41 -18.89 -9.37 -1.77
N VAL A 42 -18.69 -9.14 -0.47
CA VAL A 42 -18.40 -7.79 0.01
C VAL A 42 -17.07 -7.79 0.75
N LYS A 43 -16.12 -7.04 0.21
CA LYS A 43 -14.83 -6.86 0.86
C LYS A 43 -14.91 -5.65 1.79
N THR A 44 -14.57 -5.85 3.06
CA THR A 44 -14.53 -4.74 4.00
C THR A 44 -13.12 -4.50 4.49
N LEU A 45 -12.94 -3.39 5.18
CA LEU A 45 -11.65 -3.01 5.72
C LEU A 45 -11.74 -2.89 7.25
N LYS A 46 -11.18 -3.87 7.96
CA LYS A 46 -11.04 -3.77 9.41
C LYS A 46 -9.80 -2.94 9.71
N GLU A 47 -9.69 -2.42 10.94
CA GLU A 47 -8.53 -1.63 11.34
C GLU A 47 -7.25 -2.37 11.00
N ASP A 48 -6.51 -1.83 10.02
CA ASP A 48 -5.32 -2.44 9.40
C ASP A 48 -4.84 -3.76 10.00
N THR A 49 -4.98 -4.91 9.33
CA THR A 49 -5.45 -5.12 7.95
C THR A 49 -4.73 -4.25 6.88
N MET A 50 -5.36 -4.16 5.71
CA MET A 50 -4.85 -3.36 4.60
C MET A 50 -4.86 -1.87 4.91
N GLU A 51 -3.88 -1.12 4.39
CA GLU A 51 -3.90 0.34 4.50
C GLU A 51 -5.04 0.91 3.63
N VAL A 52 -5.70 1.95 4.11
CA VAL A 52 -6.88 2.52 3.45
C VAL A 52 -6.70 2.83 1.95
N GLU A 53 -5.62 3.52 1.61
CA GLU A 53 -5.46 3.98 0.23
C GLU A 53 -5.20 2.81 -0.71
N GLU A 54 -4.59 1.76 -0.18
CA GLU A 54 -4.43 0.51 -0.92
C GLU A 54 -5.80 -0.07 -1.28
N PHE A 55 -6.65 -0.18 -0.27
CA PHE A 55 -8.00 -0.71 -0.44
C PHE A 55 -8.76 0.06 -1.50
N LEU A 56 -8.71 1.39 -1.40
CA LEU A 56 -9.43 2.25 -2.30
C LEU A 56 -8.90 2.10 -3.72
N LYS A 57 -7.60 1.86 -3.87
CA LYS A 57 -7.05 1.70 -5.21
C LYS A 57 -7.48 0.38 -5.85
N GLU A 58 -7.58 -0.68 -5.03
CA GLU A 58 -8.10 -1.96 -5.53
C GLU A 58 -9.44 -1.75 -6.22
N ALA A 59 -10.30 -0.98 -5.55
CA ALA A 59 -11.60 -0.62 -6.10
C ALA A 59 -11.46 0.14 -7.41
N ALA A 60 -10.53 1.09 -7.45
CA ALA A 60 -10.37 1.99 -8.58
C ALA A 60 -10.01 1.21 -9.83
N VAL A 61 -9.02 0.33 -9.69
CA VAL A 61 -8.52 -0.45 -10.80
C VAL A 61 -9.61 -1.40 -11.34
N MET A 62 -10.43 -1.94 -10.46
CA MET A 62 -11.41 -2.91 -10.91
C MET A 62 -12.51 -2.31 -11.77
N LYS A 63 -12.76 -1.02 -11.59
CA LYS A 63 -13.74 -0.30 -12.40
C LYS A 63 -13.39 -0.42 -13.90
N GLU A 64 -12.10 -0.57 -14.20
CA GLU A 64 -11.60 -0.64 -15.58
C GLU A 64 -11.63 -2.06 -16.16
N ILE A 65 -11.81 -3.04 -15.29
CA ILE A 65 -11.73 -4.43 -15.69
C ILE A 65 -13.07 -4.98 -16.14
N LYS A 66 -13.14 -5.40 -17.41
CA LYS A 66 -14.37 -6.00 -17.94
C LYS A 66 -14.04 -7.22 -18.80
N HIS A 67 -14.33 -8.40 -18.28
CA HIS A 67 -14.03 -9.63 -18.96
C HIS A 67 -14.83 -10.78 -18.34
N PRO A 68 -15.29 -11.73 -19.16
CA PRO A 68 -16.13 -12.80 -18.62
C PRO A 68 -15.42 -13.70 -17.59
N ASN A 69 -14.09 -13.76 -17.63
CA ASN A 69 -13.39 -14.60 -16.67
C ASN A 69 -12.55 -13.84 -15.65
N LEU A 70 -12.93 -12.58 -15.41
CA LEU A 70 -12.40 -11.82 -14.28
C LEU A 70 -13.57 -11.39 -13.40
N VAL A 71 -13.41 -11.51 -12.08
CA VAL A 71 -14.49 -11.21 -11.15
C VAL A 71 -15.01 -9.79 -11.36
N GLN A 72 -16.33 -9.65 -11.52
CA GLN A 72 -16.89 -8.35 -11.92
C GLN A 72 -17.28 -7.48 -10.72
N LEU A 73 -16.69 -6.28 -10.68
CA LEU A 73 -17.08 -5.24 -9.76
C LEU A 73 -18.55 -4.90 -9.94
N LEU A 74 -19.29 -4.83 -8.84
CA LEU A 74 -20.71 -4.45 -8.89
C LEU A 74 -20.88 -3.03 -8.32
N GLY A 75 -20.06 -2.71 -7.33
CA GLY A 75 -20.21 -1.42 -6.68
C GLY A 75 -19.21 -1.22 -5.56
N VAL A 76 -19.28 -0.05 -4.97
CA VAL A 76 -18.24 0.42 -4.07
C VAL A 76 -18.86 1.38 -3.04
N CYS A 77 -18.45 1.29 -1.78
CA CYS A 77 -18.80 2.30 -0.78
C CYS A 77 -17.54 2.97 -0.28
N THR A 78 -17.36 4.23 -0.64
CA THR A 78 -16.11 4.95 -0.39
C THR A 78 -16.30 6.39 0.05
N ARG A 79 -17.54 6.78 0.32
CA ARG A 79 -17.80 8.10 0.86
C ARG A 79 -17.32 8.13 2.31
N GLU A 80 -17.79 7.16 3.10
CA GLU A 80 -17.42 7.05 4.50
C GLU A 80 -17.20 5.59 4.92
N PRO A 81 -16.38 5.37 5.96
CA PRO A 81 -16.26 4.04 6.58
C PRO A 81 -17.61 3.55 7.07
N PRO A 82 -17.83 2.22 7.10
CA PRO A 82 -16.87 1.20 6.64
C PRO A 82 -16.85 1.13 5.12
N PHE A 83 -15.64 1.05 4.55
CA PHE A 83 -15.51 0.98 3.10
C PHE A 83 -15.84 -0.42 2.58
N TYR A 84 -16.58 -0.49 1.48
CA TYR A 84 -16.94 -1.76 0.84
C TYR A 84 -16.46 -1.82 -0.58
N ILE A 85 -16.09 -3.01 -0.99
CA ILE A 85 -15.96 -3.32 -2.40
C ILE A 85 -16.89 -4.49 -2.68
N ILE A 86 -17.89 -4.24 -3.52
CA ILE A 86 -18.90 -5.25 -3.82
C ILE A 86 -18.66 -5.86 -5.19
N THR A 87 -18.62 -7.19 -5.25
CA THR A 87 -18.46 -7.90 -6.51
C THR A 87 -19.45 -9.05 -6.59
N GLU A 88 -19.54 -9.66 -7.77
CA GLU A 88 -20.34 -10.87 -7.94
C GLU A 88 -19.83 -11.98 -7.05
N PHE A 89 -20.75 -12.89 -6.71
CA PHE A 89 -20.45 -14.01 -5.84
C PHE A 89 -20.36 -15.28 -6.69
N MET A 90 -19.25 -16.00 -6.54
CA MET A 90 -19.03 -17.26 -7.28
C MET A 90 -19.42 -18.44 -6.40
N THR A 91 -20.51 -19.10 -6.78
CA THR A 91 -21.24 -19.94 -5.84
C THR A 91 -20.47 -21.17 -5.39
N TYR A 92 -19.51 -21.63 -6.18
CA TYR A 92 -18.77 -22.84 -5.82
C TYR A 92 -17.42 -22.58 -5.12
N GLY A 93 -17.13 -21.31 -4.85
CA GLY A 93 -15.91 -20.97 -4.12
C GLY A 93 -14.61 -21.10 -4.90
N ASN A 94 -13.51 -21.37 -4.21
CA ASN A 94 -12.23 -21.32 -4.90
C ASN A 94 -11.94 -22.61 -5.66
N LEU A 95 -11.21 -22.47 -6.75
CA LEU A 95 -10.88 -23.57 -7.66
C LEU A 95 -10.12 -24.72 -7.03
N LEU A 96 -9.28 -24.40 -6.06
CA LEU A 96 -8.43 -25.39 -5.41
C LEU A 96 -9.27 -26.42 -4.65
N ASP A 97 -10.16 -25.94 -3.78
CA ASP A 97 -11.08 -26.86 -3.09
C ASP A 97 -12.04 -27.53 -4.05
N TYR A 98 -12.44 -26.80 -5.09
CA TYR A 98 -13.36 -27.36 -6.07
C TYR A 98 -12.77 -28.62 -6.74
N LEU A 99 -11.52 -28.52 -7.17
CA LEU A 99 -10.83 -29.64 -7.81
C LEU A 99 -10.63 -30.80 -6.83
N ARG A 100 -10.28 -30.46 -5.60
CA ARG A 100 -10.02 -31.49 -4.59
C ARG A 100 -11.28 -32.28 -4.27
N GLU A 101 -12.43 -31.60 -4.29
CA GLU A 101 -13.65 -32.23 -3.80
C GLU A 101 -14.57 -32.70 -4.92
N CYS A 102 -14.20 -32.48 -6.19
CA CYS A 102 -15.15 -32.75 -7.27
C CYS A 102 -15.33 -34.23 -7.56
N ASN A 103 -16.38 -34.50 -8.32
CA ASN A 103 -16.59 -35.76 -9.03
C ASN A 103 -15.77 -35.70 -10.32
N ARG A 104 -14.71 -36.50 -10.41
CA ARG A 104 -13.80 -36.46 -11.57
C ARG A 104 -14.42 -37.04 -12.85
N GLN A 105 -15.49 -37.82 -12.72
CA GLN A 105 -16.23 -38.26 -13.89
C GLN A 105 -17.00 -37.10 -14.53
N GLU A 106 -17.41 -36.13 -13.72
CA GLU A 106 -17.99 -34.90 -14.26
C GLU A 106 -16.91 -33.90 -14.65
N VAL A 107 -16.02 -33.61 -13.72
CA VAL A 107 -14.90 -32.67 -13.95
C VAL A 107 -13.77 -33.45 -14.61
N ASN A 108 -13.98 -33.85 -15.87
CA ASN A 108 -13.06 -34.70 -16.59
C ASN A 108 -12.07 -33.88 -17.42
N ALA A 109 -11.34 -34.58 -18.29
CA ALA A 109 -10.25 -33.97 -19.04
C ALA A 109 -10.72 -32.80 -19.89
N VAL A 110 -11.91 -32.92 -20.47
CA VAL A 110 -12.37 -31.82 -21.30
C VAL A 110 -12.71 -30.62 -20.42
N VAL A 111 -13.25 -30.87 -19.23
CA VAL A 111 -13.48 -29.76 -18.30
C VAL A 111 -12.17 -29.12 -17.84
N LEU A 112 -11.13 -29.92 -17.62
CA LEU A 112 -9.86 -29.31 -17.23
C LEU A 112 -9.35 -28.37 -18.34
N LEU A 113 -9.53 -28.76 -19.59
CA LEU A 113 -9.14 -27.92 -20.71
C LEU A 113 -9.95 -26.62 -20.72
N TYR A 114 -11.25 -26.77 -20.52
CA TYR A 114 -12.17 -25.65 -20.48
C TYR A 114 -11.73 -24.64 -19.41
N MET A 115 -11.38 -25.15 -18.24
CA MET A 115 -10.89 -24.31 -17.16
C MET A 115 -9.62 -23.53 -17.52
N ALA A 116 -8.64 -24.22 -18.11
CA ALA A 116 -7.40 -23.58 -18.53
C ALA A 116 -7.68 -22.54 -19.61
N THR A 117 -8.57 -22.86 -20.53
CA THR A 117 -8.93 -21.93 -21.59
C THR A 117 -9.51 -20.63 -21.01
N GLN A 118 -10.37 -20.77 -20.00
CA GLN A 118 -11.01 -19.62 -19.38
C GLN A 118 -9.98 -18.73 -18.67
N ILE A 119 -9.12 -19.36 -17.89
CA ILE A 119 -8.13 -18.61 -17.13
C ILE A 119 -7.17 -17.89 -18.05
N SER A 120 -6.74 -18.58 -19.12
CA SER A 120 -5.77 -18.00 -20.04
C SER A 120 -6.40 -16.86 -20.82
N SER A 121 -7.71 -16.92 -21.01
CA SER A 121 -8.42 -15.84 -21.67
C SER A 121 -8.39 -14.56 -20.80
N ALA A 122 -8.65 -14.71 -19.50
CA ALA A 122 -8.55 -13.58 -18.56
C ALA A 122 -7.14 -13.00 -18.58
N MET A 123 -6.15 -13.87 -18.61
CA MET A 123 -4.77 -13.43 -18.52
C MET A 123 -4.33 -12.80 -19.83
N GLU A 124 -4.89 -13.26 -20.93
CA GLU A 124 -4.65 -12.61 -22.22
C GLU A 124 -5.21 -11.18 -22.21
N TYR A 125 -6.40 -11.01 -21.64
CA TYR A 125 -7.00 -9.69 -21.48
C TYR A 125 -6.08 -8.78 -20.61
N LEU A 126 -5.69 -9.25 -19.42
CA LEU A 126 -4.79 -8.49 -18.55
C LEU A 126 -3.46 -8.11 -19.24
N GLU A 127 -2.91 -9.05 -19.99
CA GLU A 127 -1.69 -8.82 -20.74
C GLU A 127 -1.87 -7.68 -21.74
N LYS A 128 -3.01 -7.70 -22.41
CA LYS A 128 -3.36 -6.66 -23.34
C LYS A 128 -3.53 -5.28 -22.70
N LYS A 129 -4.02 -5.26 -21.46
CA LYS A 129 -4.73 -4.07 -20.96
C LYS A 129 -4.10 -2.88 -20.17
N ASN A 130 -2.91 -2.94 -19.57
CA ASN A 130 -2.04 -4.08 -19.39
C ASN A 130 -1.57 -4.07 -17.94
N PHE A 131 -2.00 -5.11 -17.25
CA PHE A 131 -1.90 -5.25 -15.82
C PHE A 131 -1.10 -6.48 -15.58
N ILE A 132 -0.57 -6.64 -14.38
CA ILE A 132 -0.09 -7.95 -13.95
C ILE A 132 -0.88 -8.34 -12.72
N HIS A 133 -0.93 -9.64 -12.45
CA HIS A 133 -1.75 -10.18 -11.39
C HIS A 133 -0.93 -10.36 -10.12
N ARG A 134 0.19 -11.08 -10.28
CA ARG A 134 1.20 -11.33 -9.25
C ARG A 134 0.87 -12.44 -8.24
N ASP A 135 -0.32 -13.01 -8.27
CA ASP A 135 -0.61 -14.10 -7.34
C ASP A 135 -1.57 -15.12 -7.95
N LEU A 136 -1.28 -15.48 -9.19
CA LEU A 136 -1.99 -16.52 -9.88
C LEU A 136 -1.75 -17.89 -9.21
N ALA A 137 -2.85 -18.61 -8.97
CA ALA A 137 -2.87 -19.90 -8.26
C ALA A 137 -4.33 -20.34 -8.17
N ALA A 138 -4.56 -21.64 -8.01
CA ALA A 138 -5.92 -22.17 -7.97
C ALA A 138 -6.76 -21.56 -6.84
N ARG A 139 -6.13 -21.30 -5.69
CA ARG A 139 -6.82 -20.72 -4.55
C ARG A 139 -7.34 -19.32 -4.86
N ASN A 140 -6.81 -18.71 -5.91
CA ASN A 140 -7.26 -17.38 -6.30
C ASN A 140 -8.04 -17.38 -7.60
N CYS A 141 -8.56 -18.55 -7.97
CA CYS A 141 -9.57 -18.63 -9.01
C CYS A 141 -10.88 -19.08 -8.37
N LEU A 142 -11.99 -18.63 -8.95
CA LEU A 142 -13.29 -18.90 -8.37
C LEU A 142 -14.15 -19.64 -9.37
N VAL A 143 -15.05 -20.45 -8.86
CA VAL A 143 -15.88 -21.30 -9.72
C VAL A 143 -17.36 -21.02 -9.56
N GLY A 144 -18.04 -20.87 -10.70
CA GLY A 144 -19.49 -20.74 -10.73
C GLY A 144 -20.10 -22.00 -11.30
N GLU A 145 -21.42 -22.00 -11.50
CA GLU A 145 -22.13 -23.14 -12.10
C GLU A 145 -21.54 -23.51 -13.45
N ASN A 146 -21.61 -24.80 -13.76
CA ASN A 146 -21.19 -25.34 -15.04
C ASN A 146 -19.73 -25.05 -15.38
N HIS A 147 -18.88 -25.12 -14.35
CA HIS A 147 -17.43 -25.05 -14.49
C HIS A 147 -16.95 -23.69 -15.00
N LEU A 148 -17.78 -22.66 -14.81
CA LEU A 148 -17.37 -21.30 -15.06
C LEU A 148 -16.24 -20.93 -14.12
N VAL A 149 -15.13 -20.43 -14.66
CA VAL A 149 -14.02 -20.01 -13.81
C VAL A 149 -13.69 -18.53 -14.01
N LYS A 150 -13.50 -17.82 -12.90
CA LYS A 150 -13.10 -16.42 -12.96
C LYS A 150 -11.86 -16.20 -12.09
N VAL A 151 -10.92 -15.41 -12.59
CA VAL A 151 -9.71 -15.10 -11.85
C VAL A 151 -9.99 -13.96 -10.88
N ALA A 152 -9.61 -14.17 -9.62
CA ALA A 152 -9.66 -13.09 -8.63
C ALA A 152 -8.73 -11.95 -9.06
N ASP A 153 -9.25 -10.76 -8.82
CA ASP A 153 -9.04 -9.56 -9.61
C ASP A 153 -8.47 -8.42 -8.74
N PHE A 154 -8.10 -8.70 -7.49
CA PHE A 154 -8.11 -7.64 -6.48
C PHE A 154 -6.76 -7.00 -6.20
N GLY A 155 -5.67 -7.68 -6.56
CA GLY A 155 -4.37 -7.08 -6.38
C GLY A 155 -3.69 -6.64 -7.66
N LEU A 156 -4.46 -6.32 -8.71
CA LEU A 156 -3.86 -5.99 -10.00
C LEU A 156 -2.96 -4.77 -9.90
N SER A 157 -1.88 -4.75 -10.69
CA SER A 157 -1.04 -3.56 -10.76
C SER A 157 -0.87 -3.13 -12.21
N ARG A 158 -0.81 -1.82 -12.42
CA ARG A 158 -0.58 -1.26 -13.75
C ARG A 158 0.88 -1.40 -14.12
N LEU A 159 1.14 -1.98 -15.29
CA LEU A 159 2.51 -2.19 -15.76
C LEU A 159 2.46 -2.41 -17.26
N MET A 160 3.12 -1.55 -18.04
CA MET A 160 3.27 -1.77 -19.48
C MET A 160 4.02 -3.07 -19.72
N THR A 161 3.57 -3.86 -20.71
CA THR A 161 4.07 -5.22 -20.92
C THR A 161 5.60 -5.38 -20.97
N GLY A 162 6.30 -4.44 -21.60
CA GLY A 162 7.75 -4.55 -21.67
C GLY A 162 8.46 -4.17 -20.38
N ASP A 163 7.71 -3.96 -19.31
CA ASP A 163 8.30 -3.38 -18.11
C ASP A 163 8.28 -4.34 -16.92
N THR A 164 9.08 -3.99 -15.92
CA THR A 164 9.23 -4.81 -14.72
C THR A 164 8.77 -4.06 -13.46
N PTR A 165 8.07 -4.75 -12.58
CA PTR A 165 7.70 -4.19 -11.27
C PTR A 165 8.58 -4.82 -10.18
O PTR A 165 8.83 -6.02 -10.22
CB PTR A 165 6.21 -4.39 -10.96
CG PTR A 165 5.82 -4.34 -9.49
CD1 PTR A 165 5.92 -5.47 -8.69
CD2 PTR A 165 5.31 -3.18 -8.92
CE1 PTR A 165 5.54 -5.43 -7.36
CE2 PTR A 165 4.93 -3.14 -7.58
CZ PTR A 165 5.06 -4.28 -6.80
OH PTR A 165 4.73 -4.33 -5.54
P PTR A 165 4.26 -3.09 -4.61
O1P PTR A 165 5.37 -2.09 -4.49
O2P PTR A 165 2.98 -2.49 -5.19
O3P PTR A 165 3.96 -3.64 -3.21
N THR A 166 9.20 -3.96 -9.37
CA THR A 166 10.04 -4.43 -8.28
C THR A 166 9.31 -4.36 -6.95
N ALA A 167 9.05 -5.53 -6.37
CA ALA A 167 8.27 -5.64 -5.15
C ALA A 167 9.01 -5.02 -3.98
N HIS A 168 8.25 -4.56 -2.98
CA HIS A 168 8.84 -3.88 -1.84
C HIS A 168 9.79 -4.78 -1.06
N ALA A 169 10.83 -4.16 -0.51
CA ALA A 169 11.80 -4.85 0.35
C ALA A 169 11.11 -5.62 1.47
N GLY A 170 11.49 -6.87 1.66
CA GLY A 170 10.97 -7.66 2.76
C GLY A 170 9.73 -8.45 2.41
N ALA A 171 9.17 -8.20 1.23
CA ALA A 171 7.97 -8.89 0.79
C ALA A 171 8.17 -10.40 0.80
N LYS A 172 7.14 -11.12 1.22
CA LYS A 172 7.21 -12.59 1.25
C LYS A 172 6.28 -13.16 0.19
N PHE A 173 6.77 -14.16 -0.53
CA PHE A 173 6.08 -14.72 -1.68
C PHE A 173 5.59 -16.15 -1.44
N PRO A 174 4.53 -16.57 -2.15
CA PRO A 174 4.20 -17.98 -2.22
C PRO A 174 5.24 -18.68 -3.10
N ILE A 175 6.27 -19.20 -2.45
CA ILE A 175 7.48 -19.66 -3.13
C ILE A 175 7.26 -20.62 -4.29
N LYS A 176 6.41 -21.62 -4.12
CA LYS A 176 6.24 -22.63 -5.17
C LYS A 176 5.49 -22.13 -6.41
N TRP A 177 4.93 -20.92 -6.35
CA TRP A 177 4.26 -20.30 -7.51
C TRP A 177 5.09 -19.18 -8.14
N THR A 178 6.24 -18.91 -7.53
CA THR A 178 6.96 -17.66 -7.79
C THR A 178 8.13 -17.83 -8.75
N ALA A 179 8.18 -16.99 -9.78
CA ALA A 179 9.21 -17.07 -10.80
C ALA A 179 10.61 -16.82 -10.20
N PRO A 180 11.63 -17.43 -10.81
CA PRO A 180 13.00 -17.32 -10.27
C PRO A 180 13.50 -15.88 -10.16
N GLU A 181 13.18 -15.04 -11.14
CA GLU A 181 13.61 -13.64 -11.09
C GLU A 181 12.85 -12.88 -9.97
N SER A 182 11.69 -13.39 -9.60
CA SER A 182 10.93 -12.79 -8.50
C SER A 182 11.54 -13.22 -7.18
N LEU A 183 11.85 -14.50 -7.05
CA LEU A 183 12.48 -15.04 -5.84
C LEU A 183 13.82 -14.35 -5.52
N ALA A 184 14.61 -14.11 -6.55
CA ALA A 184 15.96 -13.60 -6.35
C ALA A 184 16.05 -12.08 -6.41
N TYR A 185 15.21 -11.40 -7.20
CA TYR A 185 15.39 -9.95 -7.34
C TYR A 185 14.10 -9.16 -7.14
N ASN A 186 13.08 -9.83 -6.62
CA ASN A 186 11.80 -9.19 -6.40
C ASN A 186 11.20 -8.61 -7.67
N LYS A 187 11.56 -9.18 -8.81
CA LYS A 187 11.12 -8.66 -10.10
C LYS A 187 9.93 -9.42 -10.64
N PHE A 188 8.87 -8.69 -10.98
CA PHE A 188 7.64 -9.29 -11.50
C PHE A 188 7.31 -8.65 -12.84
N SER A 189 6.64 -9.41 -13.70
CA SER A 189 6.23 -8.91 -15.00
C SER A 189 5.12 -9.82 -15.50
N ILE A 190 4.60 -9.54 -16.69
CA ILE A 190 3.59 -10.44 -17.25
C ILE A 190 4.18 -11.85 -17.42
N LYS A 191 5.51 -11.92 -17.61
CA LYS A 191 6.18 -13.21 -17.74
C LYS A 191 6.27 -14.00 -16.42
N SER A 192 6.35 -13.31 -15.28
CA SER A 192 6.26 -14.04 -14.00
C SER A 192 4.82 -14.52 -13.75
N ASP A 193 3.83 -13.80 -14.28
CA ASP A 193 2.48 -14.33 -14.29
C ASP A 193 2.39 -15.59 -15.15
N VAL A 194 3.10 -15.61 -16.27
CA VAL A 194 3.11 -16.80 -17.12
C VAL A 194 3.69 -17.98 -16.37
N TRP A 195 4.76 -17.74 -15.61
CA TRP A 195 5.34 -18.80 -14.79
C TRP A 195 4.31 -19.37 -13.82
N ALA A 196 3.66 -18.47 -13.07
CA ALA A 196 2.66 -18.90 -12.08
C ALA A 196 1.52 -19.67 -12.74
N PHE A 197 1.14 -19.23 -13.94
CA PHE A 197 0.10 -19.91 -14.70
C PHE A 197 0.50 -21.36 -14.97
N GLY A 198 1.77 -21.58 -15.26
CA GLY A 198 2.30 -22.93 -15.44
C GLY A 198 2.05 -23.79 -14.21
N VAL A 199 2.32 -23.21 -13.03
CA VAL A 199 2.09 -23.93 -11.78
C VAL A 199 0.57 -24.15 -11.57
N LEU A 200 -0.24 -23.18 -11.97
CA LEU A 200 -1.70 -23.34 -11.88
C LEU A 200 -2.15 -24.49 -12.78
N LEU A 201 -1.56 -24.59 -13.97
CA LEU A 201 -1.86 -25.69 -14.88
C LEU A 201 -1.60 -27.02 -14.23
N TRP A 202 -0.47 -27.10 -13.52
CA TRP A 202 -0.09 -28.29 -12.80
C TRP A 202 -1.10 -28.56 -11.68
N GLU A 203 -1.52 -27.50 -10.97
CA GLU A 203 -2.55 -27.68 -9.96
C GLU A 203 -3.82 -28.28 -10.58
N ILE A 204 -4.17 -27.78 -11.76
CA ILE A 204 -5.39 -28.22 -12.44
C ILE A 204 -5.26 -29.68 -12.87
N ALA A 205 -4.13 -30.04 -13.49
CA ALA A 205 -3.92 -31.38 -13.98
C ALA A 205 -3.87 -32.40 -12.85
N THR A 206 -3.54 -31.98 -11.64
CA THR A 206 -3.42 -32.90 -10.51
C THR A 206 -4.65 -32.83 -9.62
N TYR A 207 -5.67 -32.10 -10.06
CA TYR A 207 -6.85 -31.88 -9.23
C TYR A 207 -6.50 -31.29 -7.85
N GLY A 208 -5.53 -30.39 -7.83
CA GLY A 208 -5.26 -29.60 -6.64
C GLY A 208 -4.23 -30.14 -5.66
N MET A 209 -3.29 -30.93 -6.18
CA MET A 209 -2.16 -31.32 -5.36
C MET A 209 -1.27 -30.11 -5.06
N SER A 210 -0.52 -30.17 -3.98
CA SER A 210 0.48 -29.15 -3.68
C SER A 210 1.70 -29.36 -4.54
N PRO A 211 2.18 -28.30 -5.19
CA PRO A 211 3.35 -28.28 -6.08
C PRO A 211 4.63 -28.71 -5.36
N TYR A 212 5.60 -29.26 -6.08
CA TYR A 212 6.88 -29.71 -5.52
C TYR A 212 6.69 -30.46 -4.21
N PRO A 213 5.97 -31.60 -4.26
CA PRO A 213 5.62 -32.22 -2.98
C PRO A 213 6.85 -32.63 -2.19
N GLY A 214 6.86 -32.24 -0.92
CA GLY A 214 7.92 -32.61 0.02
C GLY A 214 9.20 -31.80 -0.09
N ILE A 215 9.29 -30.97 -1.11
CA ILE A 215 10.51 -30.26 -1.37
C ILE A 215 10.66 -29.04 -0.45
N ASP A 216 11.74 -29.02 0.33
CA ASP A 216 12.06 -27.91 1.21
C ASP A 216 12.01 -26.59 0.45
N LEU A 217 11.18 -25.66 0.93
CA LEU A 217 11.01 -24.36 0.29
C LEU A 217 12.32 -23.58 0.09
N SER A 218 13.24 -23.70 1.04
CA SER A 218 14.48 -22.94 0.93
C SER A 218 15.41 -23.50 -0.15
N GLN A 219 15.04 -24.63 -0.76
CA GLN A 219 15.88 -25.21 -1.81
C GLN A 219 15.22 -25.12 -3.19
N VAL A 220 14.01 -24.57 -3.25
CA VAL A 220 13.30 -24.48 -4.52
C VAL A 220 14.08 -23.66 -5.56
N TYR A 221 14.56 -22.49 -5.17
CA TYR A 221 15.28 -21.62 -6.10
C TYR A 221 16.53 -22.30 -6.68
N GLU A 222 17.31 -22.91 -5.79
CA GLU A 222 18.51 -23.63 -6.17
C GLU A 222 18.19 -24.73 -7.16
N LEU A 223 17.12 -25.49 -6.90
CA LEU A 223 16.64 -26.49 -7.83
C LEU A 223 16.26 -25.88 -9.19
N LEU A 224 15.54 -24.77 -9.17
CA LEU A 224 15.10 -24.18 -10.42
C LEU A 224 16.32 -23.77 -11.27
N GLU A 225 17.34 -23.22 -10.63
CA GLU A 225 18.57 -22.83 -11.29
C GLU A 225 19.21 -24.00 -12.04
N LYS A 226 19.12 -25.20 -11.48
CA LYS A 226 19.76 -26.35 -12.09
C LYS A 226 18.80 -27.13 -12.99
N ASP A 227 17.76 -26.44 -13.43
CA ASP A 227 16.76 -26.96 -14.37
C ASP A 227 16.00 -28.14 -13.82
N TYR A 228 15.78 -28.18 -12.52
CA TYR A 228 14.75 -29.07 -12.01
C TYR A 228 13.39 -28.44 -12.26
N ARG A 229 12.45 -29.25 -12.74
CA ARG A 229 11.05 -28.86 -12.88
C ARG A 229 10.18 -30.02 -12.43
N MET A 230 8.95 -29.71 -12.03
CA MET A 230 7.98 -30.75 -11.71
C MET A 230 7.76 -31.67 -12.90
N GLU A 231 7.59 -32.96 -12.62
CA GLU A 231 7.36 -33.96 -13.64
C GLU A 231 5.92 -33.89 -14.14
N ARG A 232 5.72 -34.40 -15.35
CA ARG A 232 4.39 -34.51 -15.92
C ARG A 232 3.46 -35.28 -14.99
N PRO A 233 2.34 -34.66 -14.64
CA PRO A 233 1.33 -35.32 -13.81
C PRO A 233 0.69 -36.50 -14.52
N GLU A 234 0.29 -37.50 -13.75
CA GLU A 234 -0.35 -38.67 -14.35
C GLU A 234 -1.60 -38.24 -15.12
N GLY A 235 -1.76 -38.76 -16.33
CA GLY A 235 -2.91 -38.44 -17.16
C GLY A 235 -2.82 -37.13 -17.91
N CYS A 236 -1.76 -36.36 -17.66
CA CYS A 236 -1.62 -35.06 -18.33
C CYS A 236 -1.17 -35.26 -19.77
N PRO A 237 -1.92 -34.67 -20.72
CA PRO A 237 -1.51 -34.77 -22.12
C PRO A 237 -0.15 -34.11 -22.34
N GLU A 238 0.64 -34.71 -23.23
CA GLU A 238 2.01 -34.27 -23.48
C GLU A 238 2.05 -32.82 -23.93
N LYS A 239 1.08 -32.42 -24.75
CA LYS A 239 1.01 -31.06 -25.27
C LYS A 239 0.74 -30.06 -24.15
N VAL A 240 -0.02 -30.47 -23.14
CA VAL A 240 -0.30 -29.58 -22.02
C VAL A 240 0.95 -29.48 -21.13
N TYR A 241 1.62 -30.61 -20.91
CA TYR A 241 2.90 -30.57 -20.20
C TYR A 241 3.95 -29.69 -20.88
N GLU A 242 4.09 -29.81 -22.20
CA GLU A 242 5.02 -28.94 -22.96
C GLU A 242 4.76 -27.46 -22.71
N LEU A 243 3.47 -27.10 -22.68
CA LEU A 243 3.03 -25.74 -22.39
C LEU A 243 3.43 -25.35 -20.99
N MET A 244 3.23 -26.28 -20.06
CA MET A 244 3.69 -26.09 -18.68
C MET A 244 5.17 -25.74 -18.67
N ARG A 245 5.94 -26.60 -19.34
CA ARG A 245 7.39 -26.50 -19.34
C ARG A 245 7.85 -25.21 -20.01
N ALA A 246 7.12 -24.79 -21.03
CA ALA A 246 7.44 -23.53 -21.71
C ALA A 246 7.20 -22.36 -20.75
N CYS A 247 6.15 -22.47 -19.94
CA CYS A 247 5.88 -21.45 -18.93
C CYS A 247 7.00 -21.33 -17.92
N TRP A 248 7.78 -22.40 -17.77
CA TRP A 248 8.80 -22.43 -16.73
C TRP A 248 10.20 -22.27 -17.27
N GLN A 249 10.34 -21.64 -18.44
CA GLN A 249 11.68 -21.37 -18.97
C GLN A 249 12.38 -20.40 -18.01
N TRP A 250 13.68 -20.57 -17.81
CA TRP A 250 14.43 -19.75 -16.87
C TRP A 250 14.37 -18.27 -17.23
N ASN A 251 14.73 -17.97 -18.47
CA ASN A 251 14.67 -16.62 -19.01
C ASN A 251 13.23 -16.19 -19.30
N PRO A 252 12.75 -15.16 -18.61
CA PRO A 252 11.34 -14.72 -18.78
C PRO A 252 10.94 -14.43 -20.23
N SER A 253 11.86 -13.94 -21.04
CA SER A 253 11.50 -13.59 -22.41
C SER A 253 11.40 -14.83 -23.33
N ASP A 254 11.83 -16.00 -22.82
CA ASP A 254 11.63 -17.26 -23.55
C ASP A 254 10.21 -17.83 -23.33
N ARG A 255 9.56 -17.41 -22.25
CA ARG A 255 8.22 -17.88 -21.95
C ARG A 255 7.19 -17.34 -22.95
N PRO A 256 6.19 -18.15 -23.29
CA PRO A 256 5.16 -17.69 -24.24
C PRO A 256 4.29 -16.57 -23.66
N SER A 257 3.65 -15.79 -24.52
CA SER A 257 2.64 -14.81 -24.08
C SER A 257 1.35 -15.53 -23.73
N PHE A 258 0.45 -14.84 -23.04
CA PHE A 258 -0.86 -15.41 -22.78
C PHE A 258 -1.70 -15.49 -24.06
N ALA A 259 -1.45 -14.59 -25.01
CA ALA A 259 -2.12 -14.69 -26.30
C ALA A 259 -1.80 -16.04 -26.95
N GLU A 260 -0.53 -16.45 -26.88
CA GLU A 260 -0.12 -17.74 -27.45
C GLU A 260 -0.70 -18.89 -26.65
N ILE A 261 -0.63 -18.79 -25.33
CA ILE A 261 -1.16 -19.81 -24.43
C ILE A 261 -2.67 -20.03 -24.61
N HIS A 262 -3.42 -18.94 -24.63
CA HIS A 262 -4.86 -19.02 -24.85
C HIS A 262 -5.18 -19.66 -26.20
N GLN A 263 -4.47 -19.23 -27.24
CA GLN A 263 -4.69 -19.77 -28.57
C GLN A 263 -4.51 -21.29 -28.55
N ALA A 264 -3.42 -21.75 -27.91
CA ALA A 264 -3.15 -23.19 -27.84
C ALA A 264 -4.25 -23.93 -27.09
N PHE A 265 -4.74 -23.38 -25.99
CA PHE A 265 -5.79 -24.07 -25.24
C PHE A 265 -7.12 -24.05 -26.00
N GLU A 266 -7.46 -22.90 -26.55
CA GLU A 266 -8.66 -22.79 -27.40
C GLU A 266 -8.69 -23.90 -28.45
N THR A 267 -7.57 -24.08 -29.14
CA THR A 267 -7.49 -25.09 -30.18
C THR A 267 -7.72 -26.48 -29.57
N MET A 268 -7.05 -26.75 -28.45
CA MET A 268 -7.16 -28.05 -27.81
C MET A 268 -8.59 -28.29 -27.33
N PHE A 269 -9.20 -27.26 -26.77
CA PHE A 269 -10.56 -27.39 -26.27
C PHE A 269 -11.53 -27.62 -27.43
N GLN A 270 -11.34 -26.85 -28.50
CA GLN A 270 -12.21 -26.99 -29.66
C GLN A 270 -12.03 -28.35 -30.32
N GLU A 271 -10.79 -28.86 -30.32
CA GLU A 271 -10.55 -30.16 -30.95
C GLU A 271 -11.02 -31.28 -30.03
N SER A 272 -11.39 -30.92 -28.82
CA SER A 272 -11.81 -31.91 -27.84
C SER A 272 -13.27 -32.26 -28.01
N TYR B 4 -4.87 9.68 30.82
CA TYR B 4 -3.68 9.02 31.33
C TYR B 4 -3.99 7.79 32.16
N ASP B 5 -5.26 7.61 32.56
CA ASP B 5 -5.59 6.46 33.38
C ASP B 5 -5.32 5.15 32.62
N LYS B 6 -5.79 5.09 31.38
CA LYS B 6 -5.58 3.91 30.54
C LYS B 6 -4.18 3.95 29.92
N TRP B 7 -3.60 5.15 29.86
CA TRP B 7 -2.34 5.36 29.15
C TRP B 7 -1.11 5.19 30.04
N GLU B 8 -1.28 5.31 31.35
CA GLU B 8 -0.13 5.25 32.28
C GLU B 8 0.44 3.84 32.39
N MET B 9 1.75 3.74 32.16
CA MET B 9 2.49 2.48 32.36
C MET B 9 3.53 2.64 33.46
N GLU B 10 4.06 1.52 33.93
CA GLU B 10 5.23 1.54 34.80
C GLU B 10 6.48 1.71 33.96
N ARG B 11 7.39 2.56 34.42
CA ARG B 11 8.64 2.79 33.70
C ARG B 11 9.40 1.47 33.51
N THR B 12 9.21 0.58 34.48
CA THR B 12 9.87 -0.73 34.50
C THR B 12 9.28 -1.71 33.49
N ASP B 13 8.12 -1.38 32.93
CA ASP B 13 7.51 -2.19 31.88
C ASP B 13 8.38 -2.24 30.63
N ILE B 14 9.30 -1.28 30.52
CA ILE B 14 10.08 -1.09 29.30
C ILE B 14 11.58 -1.30 29.51
N THR B 15 12.21 -1.99 28.57
CA THR B 15 13.66 -2.13 28.55
C THR B 15 14.28 -1.15 27.57
N MET B 16 14.93 -0.11 28.11
CA MET B 16 15.51 0.96 27.31
C MET B 16 16.77 0.50 26.55
N LYS B 17 16.86 0.88 25.29
CA LYS B 17 18.01 0.50 24.46
C LYS B 17 18.79 1.71 23.93
N HIS B 18 19.25 1.62 22.70
CA HIS B 18 20.09 2.65 22.11
C HIS B 18 19.28 3.89 21.73
N LYS B 19 19.91 5.05 21.79
CA LYS B 19 19.29 6.28 21.34
C LYS B 19 18.94 6.17 19.84
N LEU B 20 17.86 6.83 19.46
CA LEU B 20 17.27 6.65 18.13
C LEU B 20 17.80 7.61 17.08
N GLY B 21 17.97 7.12 15.86
CA GLY B 21 18.27 7.94 14.70
C GLY B 21 19.53 8.81 14.78
N GLY B 22 20.61 8.23 15.29
CA GLY B 22 21.88 8.94 15.38
C GLY B 22 21.85 10.14 16.31
N GLY B 23 20.79 10.21 17.12
CA GLY B 23 20.62 11.27 18.09
C GLY B 23 20.03 12.56 17.55
N GLN B 24 19.44 12.51 16.38
CA GLN B 24 18.98 13.75 15.74
C GLN B 24 17.63 14.24 16.26
N TYR B 25 17.01 13.51 17.20
CA TYR B 25 15.61 13.82 17.55
C TYR B 25 15.20 14.37 18.95
N GLY B 26 16.00 14.31 20.01
CA GLY B 26 17.28 13.65 20.12
C GLY B 26 17.24 12.74 21.34
N GLU B 27 16.42 13.11 22.33
CA GLU B 27 16.24 12.26 23.51
C GLU B 27 15.16 11.19 23.30
N VAL B 28 15.30 10.45 22.22
CA VAL B 28 14.36 9.40 21.84
C VAL B 28 15.10 8.08 21.69
N TYR B 29 14.62 7.06 22.39
CA TYR B 29 15.34 5.79 22.42
C TYR B 29 14.52 4.65 21.85
N GLU B 30 15.21 3.75 21.15
CA GLU B 30 14.69 2.44 20.85
C GLU B 30 14.44 1.71 22.17
N GLY B 31 13.33 0.98 22.26
CA GLY B 31 12.98 0.34 23.52
C GLY B 31 12.14 -0.91 23.30
N VAL B 32 12.07 -1.77 24.31
CA VAL B 32 11.29 -2.99 24.19
C VAL B 32 10.26 -3.12 25.30
N TRP B 33 8.99 -3.19 24.90
CA TRP B 33 7.90 -3.47 25.80
C TRP B 33 7.90 -4.96 26.08
N LYS B 34 8.41 -5.35 27.24
CA LYS B 34 8.65 -6.75 27.58
C LYS B 34 7.39 -7.61 27.50
N LYS B 35 6.30 -7.09 28.04
CA LYS B 35 5.02 -7.80 28.11
C LYS B 35 4.52 -8.26 26.75
N TYR B 36 4.71 -7.42 25.73
CA TYR B 36 4.23 -7.76 24.39
C TYR B 36 5.37 -8.08 23.44
N SER B 37 6.58 -8.14 23.97
CA SER B 37 7.80 -8.35 23.17
C SER B 37 7.82 -7.42 21.95
N LEU B 38 7.26 -6.24 22.16
CA LEU B 38 7.09 -5.25 21.10
C LEU B 38 8.12 -4.14 21.24
N THR B 39 8.99 -4.00 20.26
CA THR B 39 9.99 -2.95 20.28
C THR B 39 9.29 -1.60 20.02
N VAL B 40 9.64 -0.60 20.81
CA VAL B 40 8.91 0.66 20.77
C VAL B 40 9.85 1.83 20.68
N ALA B 41 9.29 3.03 20.55
CA ALA B 41 10.04 4.28 20.61
C ALA B 41 9.73 5.01 21.90
N VAL B 42 10.77 5.33 22.66
CA VAL B 42 10.59 5.99 23.96
C VAL B 42 11.22 7.37 24.03
N LYS B 43 10.39 8.39 24.24
CA LYS B 43 10.89 9.74 24.44
C LYS B 43 10.95 10.04 25.93
N THR B 44 12.04 10.66 26.37
CA THR B 44 12.24 10.89 27.80
C THR B 44 12.57 12.33 28.18
N LEU B 45 12.23 12.67 29.41
CA LEU B 45 12.62 13.92 30.04
C LEU B 45 13.18 13.59 31.42
N LYS B 46 14.47 13.82 31.62
CA LYS B 46 15.11 13.53 32.90
C LYS B 46 14.72 14.56 33.97
N GLU B 47 14.62 15.81 33.54
CA GLU B 47 14.16 16.94 34.37
C GLU B 47 14.61 16.89 35.82
N MET B 50 14.10 20.51 28.45
CA MET B 50 12.87 21.16 28.01
C MET B 50 11.93 21.43 29.19
N GLU B 51 10.82 22.10 28.90
CA GLU B 51 9.82 22.39 29.92
C GLU B 51 9.02 21.13 30.21
N VAL B 52 8.82 20.84 31.48
CA VAL B 52 8.02 19.69 31.86
C VAL B 52 6.57 19.89 31.42
N GLU B 53 6.05 21.10 31.59
CA GLU B 53 4.66 21.37 31.26
C GLU B 53 4.40 21.15 29.76
N GLU B 54 5.40 21.45 28.93
CA GLU B 54 5.28 21.24 27.49
C GLU B 54 5.32 19.75 27.15
N PHE B 55 6.15 19.01 27.86
CA PHE B 55 6.19 17.56 27.72
C PHE B 55 4.80 16.97 28.00
N LEU B 56 4.21 17.38 29.12
CA LEU B 56 2.88 16.91 29.51
C LEU B 56 1.84 17.32 28.50
N LYS B 57 1.97 18.54 27.98
CA LYS B 57 1.02 19.06 27.01
C LYS B 57 1.00 18.23 25.74
N GLU B 58 2.18 17.91 25.19
CA GLU B 58 2.22 17.13 23.95
C GLU B 58 1.82 15.69 24.22
N ALA B 59 2.01 15.20 25.45
CA ALA B 59 1.52 13.88 25.81
C ALA B 59 -0.01 13.82 25.78
N ALA B 60 -0.65 14.80 26.42
CA ALA B 60 -2.10 14.88 26.46
C ALA B 60 -2.70 14.98 25.06
N VAL B 61 -2.09 15.80 24.20
CA VAL B 61 -2.56 15.92 22.82
C VAL B 61 -2.56 14.58 22.07
N MET B 62 -1.51 13.78 22.27
CA MET B 62 -1.37 12.52 21.55
C MET B 62 -2.46 11.53 21.93
N LYS B 63 -3.00 11.68 23.14
CA LYS B 63 -4.11 10.85 23.59
C LYS B 63 -5.39 11.11 22.77
N GLU B 64 -5.44 12.25 22.10
CA GLU B 64 -6.64 12.67 21.37
C GLU B 64 -6.56 12.36 19.88
N ILE B 65 -5.35 12.09 19.41
CA ILE B 65 -5.08 11.83 18.00
C ILE B 65 -5.19 10.36 17.65
N LYS B 66 -5.94 10.04 16.60
CA LYS B 66 -5.96 8.68 16.09
C LYS B 66 -6.12 8.69 14.57
N HIS B 67 -5.09 8.22 13.86
CA HIS B 67 -5.11 8.19 12.41
C HIS B 67 -4.04 7.21 11.91
N PRO B 68 -4.37 6.41 10.90
CA PRO B 68 -3.43 5.39 10.41
C PRO B 68 -2.10 5.97 9.95
N ASN B 69 -2.06 7.26 9.62
CA ASN B 69 -0.80 7.87 9.17
C ASN B 69 -0.29 8.94 10.14
N LEU B 70 -0.69 8.81 11.40
CA LEU B 70 -0.07 9.58 12.46
C LEU B 70 0.49 8.58 13.47
N VAL B 71 1.72 8.81 13.92
CA VAL B 71 2.40 7.88 14.80
C VAL B 71 1.56 7.60 16.05
N GLN B 72 1.37 6.32 16.35
CA GLN B 72 0.40 5.96 17.38
C GLN B 72 1.00 5.91 18.77
N LEU B 73 0.34 6.60 19.69
CA LEU B 73 0.71 6.60 21.10
C LEU B 73 0.39 5.24 21.72
N LEU B 74 1.33 4.69 22.48
CA LEU B 74 1.12 3.40 23.13
C LEU B 74 0.99 3.54 24.64
N GLY B 75 1.69 4.52 25.20
CA GLY B 75 1.70 4.67 26.64
C GLY B 75 2.51 5.86 27.11
N VAL B 76 2.48 6.07 28.42
CA VAL B 76 2.96 7.30 29.00
C VAL B 76 3.38 7.02 30.44
N CYS B 77 4.44 7.69 30.90
CA CYS B 77 4.85 7.67 32.30
C CYS B 77 4.97 9.08 32.83
N THR B 78 3.95 9.54 33.53
CA THR B 78 3.93 10.93 33.98
C THR B 78 3.77 11.02 35.50
N ARG B 79 4.01 9.92 36.20
CA ARG B 79 3.95 9.92 37.65
C ARG B 79 5.17 10.64 38.22
N GLU B 80 6.34 10.03 38.06
CA GLU B 80 7.58 10.61 38.55
C GLU B 80 8.66 10.55 37.47
N PRO B 81 9.58 11.53 37.46
CA PRO B 81 10.74 11.52 36.55
C PRO B 81 11.60 10.27 36.72
N PRO B 82 12.21 9.77 35.61
CA PRO B 82 12.10 10.31 34.25
C PRO B 82 10.71 10.12 33.65
N PHE B 83 10.27 11.08 32.85
CA PHE B 83 9.00 10.96 32.15
C PHE B 83 9.17 10.19 30.85
N TYR B 84 8.20 9.32 30.56
CA TYR B 84 8.21 8.54 29.33
C TYR B 84 6.98 8.86 28.48
N ILE B 85 7.16 8.91 27.18
CA ILE B 85 6.01 8.81 26.29
C ILE B 85 6.35 7.77 25.23
N ILE B 86 5.54 6.72 25.20
CA ILE B 86 5.84 5.54 24.41
C ILE B 86 4.98 5.47 23.16
N THR B 87 5.63 5.31 22.01
CA THR B 87 4.91 5.20 20.74
C THR B 87 5.39 3.99 19.97
N GLU B 88 4.63 3.60 18.95
CA GLU B 88 5.05 2.54 18.04
C GLU B 88 6.38 2.87 17.41
N PHE B 89 7.12 1.83 17.05
CA PHE B 89 8.42 1.98 16.39
C PHE B 89 8.27 1.71 14.88
N MET B 90 8.67 2.66 14.05
CA MET B 90 8.59 2.49 12.61
C MET B 90 9.88 1.90 12.05
N THR B 91 9.82 0.66 11.57
CA THR B 91 11.03 -0.13 11.34
C THR B 91 11.94 0.38 10.23
N TYR B 92 11.41 1.17 9.30
CA TYR B 92 12.25 1.72 8.24
C TYR B 92 12.70 3.15 8.48
N GLY B 93 12.66 3.60 9.74
CA GLY B 93 13.26 4.87 10.12
C GLY B 93 12.57 6.09 9.51
N ASN B 94 13.31 7.18 9.38
CA ASN B 94 12.71 8.42 8.88
C ASN B 94 12.72 8.50 7.37
N LEU B 95 11.76 9.23 6.83
CA LEU B 95 11.53 9.24 5.38
C LEU B 95 12.69 9.86 4.60
N LEU B 96 13.35 10.85 5.19
CA LEU B 96 14.49 11.47 4.52
C LEU B 96 15.60 10.46 4.25
N ASP B 97 16.05 9.77 5.31
CA ASP B 97 17.08 8.76 5.11
C ASP B 97 16.59 7.66 4.18
N TYR B 98 15.33 7.29 4.34
CA TYR B 98 14.76 6.18 3.59
C TYR B 98 14.81 6.47 2.10
N LEU B 99 14.46 7.70 1.74
CA LEU B 99 14.45 8.08 0.33
C LEU B 99 15.84 8.12 -0.26
N ARG B 100 16.82 8.52 0.55
CA ARG B 100 18.19 8.68 0.10
C ARG B 100 18.87 7.33 -0.14
N GLU B 101 18.36 6.29 0.52
CA GLU B 101 18.99 4.98 0.47
C GLU B 101 18.16 3.93 -0.28
N CYS B 102 16.94 4.27 -0.70
CA CYS B 102 16.07 3.25 -1.27
C CYS B 102 16.50 2.85 -2.68
N ASN B 103 16.13 1.63 -3.08
CA ASN B 103 16.13 1.23 -4.47
C ASN B 103 14.99 1.97 -5.20
N ARG B 104 15.34 2.80 -6.19
CA ARG B 104 14.34 3.67 -6.82
C ARG B 104 13.51 2.95 -7.87
N GLN B 105 13.93 1.73 -8.22
CA GLN B 105 13.13 0.87 -9.08
C GLN B 105 11.91 0.38 -8.31
N GLU B 106 12.13 0.08 -7.04
CA GLU B 106 11.06 -0.28 -6.11
C GLU B 106 10.26 0.96 -5.70
N VAL B 107 10.94 1.96 -5.16
CA VAL B 107 10.28 3.19 -4.74
C VAL B 107 10.28 4.14 -5.95
N ASN B 108 9.41 3.85 -6.90
CA ASN B 108 9.34 4.61 -8.14
C ASN B 108 8.19 5.61 -8.05
N ALA B 109 7.78 6.16 -9.21
CA ALA B 109 6.84 7.26 -9.24
C ALA B 109 5.51 6.93 -8.53
N VAL B 110 4.98 5.73 -8.72
CA VAL B 110 3.69 5.41 -8.10
C VAL B 110 3.85 5.37 -6.58
N VAL B 111 5.00 4.92 -6.09
CA VAL B 111 5.19 4.82 -4.66
C VAL B 111 5.38 6.22 -4.03
N LEU B 112 6.04 7.12 -4.74
CA LEU B 112 6.15 8.50 -4.30
C LEU B 112 4.75 9.14 -4.16
N LEU B 113 3.86 8.83 -5.10
CA LEU B 113 2.47 9.32 -5.04
C LEU B 113 1.74 8.74 -3.83
N TYR B 114 1.99 7.46 -3.57
CA TYR B 114 1.41 6.76 -2.43
C TYR B 114 1.81 7.42 -1.09
N MET B 115 3.09 7.76 -0.96
CA MET B 115 3.57 8.44 0.26
C MET B 115 2.91 9.80 0.45
N ALA B 116 2.82 10.57 -0.63
CA ALA B 116 2.21 11.89 -0.60
C ALA B 116 0.75 11.80 -0.22
N THR B 117 0.09 10.76 -0.72
CA THR B 117 -1.30 10.54 -0.41
C THR B 117 -1.49 10.25 1.08
N GLN B 118 -0.66 9.36 1.62
CA GLN B 118 -0.71 9.02 3.03
C GLN B 118 -0.48 10.25 3.92
N ILE B 119 0.57 11.00 3.62
CA ILE B 119 0.90 12.18 4.39
C ILE B 119 -0.23 13.22 4.34
N SER B 120 -0.77 13.45 3.14
CA SER B 120 -1.79 14.47 2.99
C SER B 120 -3.08 14.03 3.68
N SER B 121 -3.25 12.72 3.82
CA SER B 121 -4.40 12.17 4.54
C SER B 121 -4.31 12.49 6.02
N ALA B 122 -3.15 12.22 6.61
CA ALA B 122 -2.84 12.63 7.97
C ALA B 122 -3.14 14.10 8.18
N MET B 123 -2.66 14.93 7.26
CA MET B 123 -2.79 16.38 7.41
C MET B 123 -4.23 16.86 7.23
N GLU B 124 -4.99 16.16 6.40
CA GLU B 124 -6.41 16.50 6.24
C GLU B 124 -7.15 16.22 7.55
N TYR B 125 -6.80 15.12 8.21
CA TYR B 125 -7.35 14.80 9.52
C TYR B 125 -7.04 15.91 10.52
N LEU B 126 -5.80 16.39 10.50
CA LEU B 126 -5.40 17.46 11.41
C LEU B 126 -6.14 18.76 11.09
N GLU B 127 -6.21 19.08 9.81
CA GLU B 127 -6.91 20.25 9.32
C GLU B 127 -8.34 20.31 9.90
N LYS B 128 -9.05 19.18 9.77
CA LYS B 128 -10.44 19.08 10.18
C LYS B 128 -10.60 19.14 11.68
N LYS B 129 -9.67 18.52 12.41
CA LYS B 129 -9.67 18.53 13.88
C LYS B 129 -9.10 19.83 14.50
N ASN B 130 -8.91 20.87 13.68
CA ASN B 130 -8.34 22.14 14.15
C ASN B 130 -7.00 22.03 14.89
N PHE B 131 -6.13 21.15 14.41
CA PHE B 131 -4.74 21.14 14.85
C PHE B 131 -3.87 21.69 13.75
N ILE B 132 -2.66 22.11 14.12
CA ILE B 132 -1.60 22.38 13.16
C ILE B 132 -0.36 21.62 13.63
N HIS B 133 0.59 21.46 12.73
CA HIS B 133 1.72 20.58 12.92
C HIS B 133 2.97 21.39 13.18
N ARG B 134 3.23 22.30 12.25
CA ARG B 134 4.34 23.27 12.30
C ARG B 134 5.75 22.69 12.09
N ASP B 135 5.88 21.41 11.82
CA ASP B 135 7.23 20.90 11.57
C ASP B 135 7.19 19.79 10.52
N LEU B 136 6.42 20.01 9.47
CA LEU B 136 6.31 19.08 8.35
C LEU B 136 7.58 19.07 7.52
N ALA B 137 8.18 17.89 7.36
CA ALA B 137 9.44 17.72 6.63
C ALA B 137 9.72 16.23 6.54
N ALA B 138 10.58 15.82 5.61
CA ALA B 138 10.82 14.40 5.40
C ALA B 138 11.43 13.76 6.65
N ARG B 139 12.30 14.48 7.34
CA ARG B 139 12.92 13.99 8.56
C ARG B 139 11.90 13.74 9.68
N ASN B 140 10.72 14.35 9.56
CA ASN B 140 9.70 14.15 10.58
C ASN B 140 8.58 13.24 10.11
N CYS B 141 8.83 12.55 9.00
CA CYS B 141 7.96 11.47 8.59
C CYS B 141 8.68 10.15 8.80
N LEU B 142 7.92 9.11 9.11
CA LEU B 142 8.49 7.82 9.42
C LEU B 142 7.93 6.76 8.48
N VAL B 143 8.73 5.71 8.24
CA VAL B 143 8.38 4.69 7.26
C VAL B 143 8.33 3.29 7.91
N GLY B 144 7.27 2.56 7.62
CA GLY B 144 7.14 1.19 8.08
C GLY B 144 7.20 0.21 6.92
N GLU B 145 6.86 -1.04 7.21
CA GLU B 145 6.80 -2.08 6.19
C GLU B 145 5.80 -1.72 5.08
N ASN B 146 6.12 -2.16 3.86
CA ASN B 146 5.23 -2.02 2.71
C ASN B 146 4.91 -0.56 2.34
N HIS B 147 5.92 0.30 2.39
CA HIS B 147 5.80 1.71 1.99
C HIS B 147 4.75 2.48 2.82
N LEU B 148 4.42 1.98 4.00
CA LEU B 148 3.57 2.71 4.93
C LEU B 148 4.30 3.95 5.44
N VAL B 149 3.62 5.10 5.44
CA VAL B 149 4.24 6.31 5.97
C VAL B 149 3.36 6.94 7.03
N LYS B 150 3.97 7.37 8.13
CA LYS B 150 3.25 8.07 9.19
C LYS B 150 3.94 9.38 9.52
N VAL B 151 3.16 10.36 9.89
CA VAL B 151 3.74 11.65 10.26
C VAL B 151 3.97 11.67 11.78
N ALA B 152 5.14 12.15 12.19
CA ALA B 152 5.40 12.34 13.60
C ALA B 152 4.50 13.44 14.14
N ASP B 153 3.86 13.18 15.27
CA ASP B 153 2.85 14.09 15.80
C ASP B 153 3.17 14.48 17.24
N PHE B 154 4.42 14.83 17.47
CA PHE B 154 4.86 15.33 18.77
C PHE B 154 5.03 16.83 18.60
N GLY B 155 4.34 17.62 19.39
CA GLY B 155 4.37 19.05 19.17
C GLY B 155 3.24 19.61 18.32
N LEU B 156 2.19 18.82 18.06
CA LEU B 156 0.97 19.36 17.46
C LEU B 156 0.39 20.48 18.33
N SER B 157 -0.16 21.51 17.71
CA SER B 157 -0.81 22.57 18.45
C SER B 157 -2.30 22.65 18.12
N ARG B 158 -3.13 22.89 19.14
CA ARG B 158 -4.55 23.05 18.93
C ARG B 158 -4.91 24.53 18.78
N LEU B 159 -5.75 24.82 17.81
CA LEU B 159 -6.26 26.16 17.63
C LEU B 159 -7.50 26.37 18.48
N MET B 160 -7.34 27.00 19.64
CA MET B 160 -8.45 27.23 20.57
C MET B 160 -9.48 28.19 20.00
N THR B 161 -9.00 29.22 19.32
CA THR B 161 -9.87 30.22 18.76
C THR B 161 -9.53 30.37 17.28
N GLY B 162 -8.25 30.14 16.95
CA GLY B 162 -7.86 29.95 15.55
C GLY B 162 -8.23 31.06 14.59
N ASP B 163 -7.86 30.90 13.33
CA ASP B 163 -7.09 29.74 12.89
C ASP B 163 -5.61 30.07 12.66
N THR B 164 -5.13 31.09 13.36
CA THR B 164 -3.71 31.43 13.35
C THR B 164 -3.11 31.22 14.74
N PTR B 165 -1.95 30.56 14.79
CA PTR B 165 -1.28 30.30 16.05
C PTR B 165 0.05 31.06 16.08
O PTR B 165 0.84 31.00 15.12
CB PTR B 165 -1.12 28.77 16.19
CG PTR B 165 -0.44 28.29 17.45
CD1 PTR B 165 -1.17 27.70 18.48
CD2 PTR B 165 0.94 28.42 17.62
CE1 PTR B 165 -0.54 27.25 19.65
CE2 PTR B 165 1.57 27.97 18.76
CZ PTR B 165 0.83 27.39 19.77
OH PTR B 165 1.51 27.01 20.83
P PTR B 165 1.00 26.11 22.06
O1P PTR B 165 0.16 26.96 23.04
O2P PTR B 165 2.22 25.62 22.74
O3P PTR B 165 0.17 24.89 21.57
N THR B 166 0.23 31.86 17.13
CA THR B 166 1.45 32.65 17.31
C THR B 166 2.48 31.86 18.13
N ALA B 167 3.67 31.63 17.55
CA ALA B 167 4.74 30.95 18.27
C ALA B 167 5.34 31.84 19.34
N HIS B 168 6.04 31.22 20.30
CA HIS B 168 6.73 31.92 21.36
C HIS B 168 7.79 32.91 20.86
N ALA B 169 8.11 33.85 21.76
CA ALA B 169 9.08 34.95 21.58
C ALA B 169 9.60 35.19 20.11
N GLY B 170 10.83 34.92 19.64
CA GLY B 170 11.94 34.19 20.23
C GLY B 170 12.21 32.86 19.56
N ALA B 171 11.15 32.21 19.11
CA ALA B 171 11.27 30.89 18.50
C ALA B 171 12.01 30.97 17.17
N LYS B 172 12.82 29.94 16.91
CA LYS B 172 13.59 29.83 15.68
C LYS B 172 13.05 28.66 14.85
N PHE B 173 12.95 28.85 13.54
CA PHE B 173 12.35 27.84 12.67
C PHE B 173 13.28 27.35 11.60
N PRO B 174 13.04 26.12 11.09
CA PRO B 174 13.72 25.65 9.88
C PRO B 174 13.29 26.49 8.69
N ILE B 175 14.08 27.51 8.39
CA ILE B 175 13.77 28.52 7.38
C ILE B 175 13.30 27.96 6.03
N LYS B 176 14.01 26.97 5.50
CA LYS B 176 13.71 26.45 4.17
C LYS B 176 12.36 25.72 4.10
N TRP B 177 11.77 25.40 5.25
CA TRP B 177 10.46 24.74 5.29
C TRP B 177 9.35 25.69 5.72
N THR B 178 9.72 26.91 6.08
CA THR B 178 8.79 27.80 6.78
C THR B 178 8.13 28.82 5.86
N ALA B 179 6.81 28.87 5.91
CA ALA B 179 6.05 29.84 5.11
C ALA B 179 6.49 31.28 5.41
N PRO B 180 6.42 32.15 4.39
CA PRO B 180 6.87 33.54 4.53
C PRO B 180 6.17 34.30 5.64
N GLU B 181 4.85 34.15 5.79
CA GLU B 181 4.16 34.88 6.86
C GLU B 181 4.62 34.36 8.22
N SER B 182 5.13 33.13 8.26
CA SER B 182 5.62 32.57 9.50
C SER B 182 7.00 33.09 9.84
N LEU B 183 7.82 33.27 8.80
CA LEU B 183 9.13 33.88 8.98
C LEU B 183 8.98 35.32 9.41
N ALA B 184 8.01 36.00 8.83
CA ALA B 184 7.88 37.43 9.00
C ALA B 184 7.23 37.77 10.33
N TYR B 185 6.29 36.94 10.78
CA TYR B 185 5.44 37.32 11.92
C TYR B 185 5.23 36.26 12.99
N ASN B 186 5.92 35.12 12.85
CA ASN B 186 5.73 33.99 13.75
C ASN B 186 4.29 33.48 13.82
N LYS B 187 3.54 33.70 12.74
CA LYS B 187 2.16 33.21 12.68
C LYS B 187 2.14 31.90 11.91
N PHE B 188 1.55 30.87 12.50
CA PHE B 188 1.43 29.58 11.83
C PHE B 188 -0.04 29.19 11.71
N SER B 189 -0.36 28.48 10.65
CA SER B 189 -1.73 28.06 10.39
C SER B 189 -1.69 26.75 9.62
N ILE B 190 -2.84 26.13 9.39
CA ILE B 190 -2.87 24.98 8.51
C ILE B 190 -2.29 25.38 7.14
N LYS B 191 -2.46 26.64 6.73
CA LYS B 191 -1.93 27.09 5.44
C LYS B 191 -0.41 27.16 5.44
N SER B 192 0.20 27.44 6.60
CA SER B 192 1.66 27.39 6.66
C SER B 192 2.12 25.92 6.70
N ASP B 193 1.27 25.02 7.21
CA ASP B 193 1.54 23.60 7.07
C ASP B 193 1.47 23.17 5.60
N VAL B 194 0.53 23.76 4.85
CA VAL B 194 0.44 23.48 3.42
C VAL B 194 1.72 23.90 2.69
N TRP B 195 2.27 25.06 3.05
CA TRP B 195 3.54 25.51 2.46
C TRP B 195 4.64 24.49 2.72
N ALA B 196 4.77 24.05 3.97
CA ALA B 196 5.79 23.08 4.34
C ALA B 196 5.56 21.76 3.61
N PHE B 197 4.30 21.38 3.44
CA PHE B 197 3.98 20.17 2.68
C PHE B 197 4.54 20.23 1.25
N GLY B 198 4.49 21.40 0.63
CA GLY B 198 5.04 21.59 -0.70
C GLY B 198 6.55 21.35 -0.75
N VAL B 199 7.24 21.82 0.28
CA VAL B 199 8.68 21.58 0.39
C VAL B 199 8.93 20.08 0.56
N LEU B 200 8.10 19.46 1.37
CA LEU B 200 8.13 18.01 1.60
C LEU B 200 7.96 17.25 0.27
N LEU B 201 7.02 17.69 -0.56
CA LEU B 201 6.83 17.10 -1.88
C LEU B 201 8.12 17.16 -2.70
N TRP B 202 8.78 18.31 -2.65
CA TRP B 202 10.06 18.51 -3.33
C TRP B 202 11.11 17.54 -2.80
N GLU B 203 11.16 17.39 -1.48
CA GLU B 203 12.06 16.42 -0.87
C GLU B 203 11.79 15.01 -1.41
N ILE B 204 10.51 14.68 -1.52
CA ILE B 204 10.11 13.35 -1.97
C ILE B 204 10.52 13.18 -3.43
N ALA B 205 10.20 14.17 -4.24
CA ALA B 205 10.43 14.09 -5.67
C ALA B 205 11.92 14.05 -6.01
N THR B 206 12.77 14.56 -5.13
CA THR B 206 14.22 14.52 -5.35
C THR B 206 14.90 13.39 -4.62
N TYR B 207 14.11 12.48 -4.07
CA TYR B 207 14.63 11.41 -3.20
C TYR B 207 15.53 11.96 -2.08
N GLY B 208 15.09 13.06 -1.47
CA GLY B 208 15.71 13.53 -0.26
C GLY B 208 16.85 14.52 -0.42
N MET B 209 16.78 15.36 -1.44
CA MET B 209 17.78 16.40 -1.58
C MET B 209 17.40 17.57 -0.67
N SER B 210 18.40 18.39 -0.35
CA SER B 210 18.22 19.55 0.51
C SER B 210 17.58 20.70 -0.27
N PRO B 211 16.51 21.30 0.27
CA PRO B 211 15.79 22.38 -0.43
C PRO B 211 16.66 23.60 -0.67
N TYR B 212 16.37 24.35 -1.73
CA TYR B 212 17.15 25.53 -2.08
C TYR B 212 18.64 25.30 -1.96
N PRO B 213 19.17 24.26 -2.64
CA PRO B 213 20.60 23.96 -2.45
C PRO B 213 21.50 25.17 -2.73
N GLY B 214 22.36 25.49 -1.77
CA GLY B 214 23.41 26.49 -1.98
C GLY B 214 22.97 27.93 -1.78
N ILE B 215 21.71 28.13 -1.47
CA ILE B 215 21.19 29.48 -1.30
C ILE B 215 21.38 29.95 0.15
N ASP B 216 21.86 31.19 0.31
CA ASP B 216 22.05 31.74 1.66
C ASP B 216 20.71 31.94 2.37
N LEU B 217 20.63 31.42 3.60
CA LEU B 217 19.43 31.54 4.42
C LEU B 217 18.94 32.98 4.54
N SER B 218 19.86 33.94 4.59
CA SER B 218 19.46 35.33 4.79
C SER B 218 18.68 35.88 3.60
N GLN B 219 18.81 35.21 2.45
CA GLN B 219 18.18 35.67 1.23
C GLN B 219 16.79 35.05 0.99
N VAL B 220 16.50 33.94 1.66
CA VAL B 220 15.30 33.14 1.35
C VAL B 220 14.01 33.94 1.36
N TYR B 221 13.76 34.69 2.42
CA TYR B 221 12.52 35.44 2.52
C TYR B 221 12.36 36.41 1.34
N GLU B 222 13.38 37.24 1.12
CA GLU B 222 13.31 38.24 0.04
C GLU B 222 13.13 37.55 -1.31
N LEU B 223 13.87 36.47 -1.52
CA LEU B 223 13.74 35.69 -2.77
C LEU B 223 12.30 35.27 -2.99
N LEU B 224 11.70 34.71 -1.93
CA LEU B 224 10.31 34.26 -1.99
C LEU B 224 9.37 35.43 -2.26
N GLU B 225 9.59 36.54 -1.57
CA GLU B 225 8.78 37.73 -1.76
C GLU B 225 8.85 38.20 -3.21
N LYS B 226 10.02 38.10 -3.83
CA LYS B 226 10.14 38.51 -5.21
C LYS B 226 9.91 37.33 -6.16
N ASP B 227 9.19 36.33 -5.65
CA ASP B 227 8.60 35.23 -6.44
C ASP B 227 9.56 34.15 -6.92
N TYR B 228 10.73 34.04 -6.30
CA TYR B 228 11.59 32.87 -6.52
C TYR B 228 10.91 31.64 -5.96
N ARG B 229 10.92 30.55 -6.71
CA ARG B 229 10.43 29.26 -6.22
C ARG B 229 11.35 28.18 -6.78
N MET B 230 11.52 27.08 -6.05
CA MET B 230 12.31 25.96 -6.57
C MET B 230 11.70 25.47 -7.86
N GLU B 231 12.58 25.06 -8.77
CA GLU B 231 12.13 24.62 -10.08
C GLU B 231 11.68 23.16 -10.03
N ARG B 232 10.97 22.74 -11.06
CA ARG B 232 10.50 21.37 -11.16
C ARG B 232 11.69 20.41 -11.10
N PRO B 233 11.65 19.47 -10.16
CA PRO B 233 12.68 18.42 -10.11
C PRO B 233 12.65 17.52 -11.32
N GLU B 234 13.83 17.12 -11.79
CA GLU B 234 13.95 16.16 -12.87
C GLU B 234 13.05 14.92 -12.63
N GLY B 235 12.25 14.55 -13.63
CA GLY B 235 11.35 13.42 -13.49
C GLY B 235 10.01 13.69 -12.78
N CYS B 236 9.86 14.88 -12.21
CA CYS B 236 8.63 15.23 -11.51
C CYS B 236 7.52 15.53 -12.50
N PRO B 237 6.39 14.81 -12.40
CA PRO B 237 5.26 15.08 -13.29
C PRO B 237 4.80 16.53 -13.16
N GLU B 238 4.34 17.11 -14.27
CA GLU B 238 3.95 18.51 -14.26
C GLU B 238 2.81 18.76 -13.27
N LYS B 239 1.88 17.82 -13.16
CA LYS B 239 0.74 17.97 -12.26
C LYS B 239 1.17 17.97 -10.79
N VAL B 240 2.20 17.19 -10.48
CA VAL B 240 2.73 17.19 -9.13
C VAL B 240 3.38 18.54 -8.85
N TYR B 241 4.12 19.04 -9.82
CA TYR B 241 4.80 20.31 -9.66
C TYR B 241 3.82 21.49 -9.60
N GLU B 242 2.70 21.38 -10.32
CA GLU B 242 1.62 22.35 -10.17
C GLU B 242 1.16 22.46 -8.72
N LEU B 243 1.05 21.33 -8.04
CA LEU B 243 0.57 21.32 -6.66
C LEU B 243 1.57 21.95 -5.71
N MET B 244 2.84 21.64 -5.91
CA MET B 244 3.91 22.29 -5.16
C MET B 244 3.79 23.80 -5.23
N ARG B 245 3.66 24.29 -6.47
CA ARG B 245 3.57 25.73 -6.72
C ARG B 245 2.32 26.30 -6.06
N ALA B 246 1.25 25.50 -6.02
CA ALA B 246 0.01 25.96 -5.39
C ALA B 246 0.22 26.08 -3.89
N CYS B 247 0.96 25.12 -3.34
CA CYS B 247 1.31 25.13 -1.94
C CYS B 247 2.15 26.33 -1.57
N TRP B 248 2.88 26.86 -2.55
CA TRP B 248 3.81 27.97 -2.32
C TRP B 248 3.25 29.30 -2.79
N GLN B 249 1.93 29.40 -2.88
CA GLN B 249 1.30 30.70 -3.14
C GLN B 249 1.65 31.65 -2.00
N TRP B 250 2.03 32.87 -2.34
CA TRP B 250 2.44 33.86 -1.34
C TRP B 250 1.33 34.13 -0.30
N ASN B 251 0.13 34.44 -0.78
CA ASN B 251 -1.03 34.61 0.09
C ASN B 251 -1.55 33.25 0.58
N PRO B 252 -1.45 32.99 1.90
CA PRO B 252 -1.91 31.74 2.51
C PRO B 252 -3.31 31.28 2.06
N SER B 253 -4.24 32.22 1.91
CA SER B 253 -5.61 31.82 1.55
C SER B 253 -5.69 31.36 0.10
N ASP B 254 -4.68 31.67 -0.71
CA ASP B 254 -4.56 31.14 -2.08
C ASP B 254 -4.04 29.71 -2.13
N ARG B 255 -3.50 29.22 -1.02
CA ARG B 255 -2.98 27.86 -0.99
C ARG B 255 -4.12 26.87 -0.88
N PRO B 256 -3.98 25.70 -1.50
CA PRO B 256 -5.06 24.71 -1.40
C PRO B 256 -5.18 24.15 0.01
N SER B 257 -6.35 23.59 0.33
CA SER B 257 -6.54 22.87 1.58
C SER B 257 -5.96 21.46 1.50
N PHE B 258 -5.75 20.84 2.65
CA PHE B 258 -5.26 19.47 2.65
C PHE B 258 -6.31 18.53 2.10
N ALA B 259 -7.58 18.89 2.25
CA ALA B 259 -8.64 18.09 1.66
C ALA B 259 -8.47 18.03 0.13
N GLU B 260 -8.22 19.19 -0.48
CA GLU B 260 -8.04 19.28 -1.93
C GLU B 260 -6.76 18.57 -2.38
N ILE B 261 -5.70 18.80 -1.62
CA ILE B 261 -4.41 18.17 -1.86
C ILE B 261 -4.52 16.65 -1.83
N HIS B 262 -5.15 16.14 -0.77
CA HIS B 262 -5.25 14.70 -0.63
C HIS B 262 -6.10 14.10 -1.77
N GLN B 263 -7.15 14.80 -2.17
CA GLN B 263 -7.97 14.36 -3.29
C GLN B 263 -7.14 14.25 -4.58
N ALA B 264 -6.37 15.29 -4.90
CA ALA B 264 -5.52 15.30 -6.09
C ALA B 264 -4.56 14.12 -6.12
N PHE B 265 -3.84 13.92 -5.01
CA PHE B 265 -2.84 12.85 -4.92
C PHE B 265 -3.48 11.47 -4.96
N GLU B 266 -4.61 11.33 -4.29
CA GLU B 266 -5.31 10.06 -4.28
C GLU B 266 -5.71 9.66 -5.70
N THR B 267 -6.23 10.63 -6.45
CA THR B 267 -6.60 10.40 -7.83
C THR B 267 -5.37 9.98 -8.65
N MET B 268 -4.28 10.74 -8.54
CA MET B 268 -3.07 10.43 -9.33
C MET B 268 -2.52 9.05 -8.96
N PHE B 269 -2.46 8.78 -7.66
CA PHE B 269 -2.06 7.47 -7.16
C PHE B 269 -2.92 6.35 -7.73
N GLN B 270 -4.23 6.54 -7.70
CA GLN B 270 -5.13 5.49 -8.15
C GLN B 270 -5.02 5.25 -9.65
N GLU B 271 -4.68 6.29 -10.40
CA GLU B 271 -4.59 6.20 -11.85
C GLU B 271 -3.29 5.56 -12.31
N SER B 272 -2.34 5.46 -11.39
CA SER B 272 -1.06 4.82 -11.67
C SER B 272 -1.07 3.38 -11.17
CAA 8IW C . -16.76 -19.40 -0.39
CAB 8IW C . -15.49 -19.98 -0.26
CAD 8IW C . -14.60 -18.44 -1.72
CAE 8IW C . -15.83 -17.79 -1.89
CAF 8IW C . -16.94 -18.29 -1.21
CAG 8IW C . -17.97 -19.98 0.41
CAI 8IW C . -19.27 -20.55 -1.66
CAJ 8IW C . -20.18 -20.99 0.59
CAL 8IW C . -15.99 -16.57 -2.82
CAM 8IW C . -17.06 -16.54 -3.70
CAO 8IW C . -16.41 -14.42 -4.56
CAP 8IW C . -15.34 -14.38 -3.72
CAQ 8IW C . -15.06 -15.49 -2.78
CAS 8IW C . -15.43 -12.47 -5.01
CAT 8IW C . -14.68 -13.10 -4.00
CAU 8IW C . -13.43 -12.53 -3.40
CAV 8IW C . -13.43 -11.20 -3.09
CAW 8IW C . -12.28 -10.60 -2.56
CAX 8IW C . -11.11 -11.35 -2.31
CAY 8IW C . -11.08 -12.72 -2.63
CAZ 8IW C . -12.23 -13.31 -3.17
NAC 8IW C . -14.47 -19.49 -0.92
NAH 8IW C . -19.14 -20.50 -0.22
NAN 8IW C . -17.26 -15.49 -4.54
NAR 8IW C . -16.44 -13.24 -5.33
OAK 8IW C . -17.89 -19.96 1.68
CBB 8IW C . -10.90 -15.24 -3.65
CBC 8IW C . -12.34 -9.09 -2.24
OBA 8IW C . -12.23 -14.72 -3.50
OBE 8IW C . -9.99 -10.69 -1.77
CAA 8IW D . 15.56 5.09 13.32
CAB 8IW D . 15.94 6.19 12.56
CAD 8IW D . 13.96 7.27 13.06
CAE 8IW D . 13.51 6.19 13.84
CAF 8IW D . 14.34 5.07 13.97
CAG 8IW D . 16.51 3.85 13.47
CAI 8IW D . 15.14 2.41 12.02
CAJ 8IW D . 17.18 1.50 13.03
CAL 8IW D . 12.14 6.20 14.54
CAM 8IW D . 11.36 5.07 14.46
CAO 8IW D . 9.64 6.11 15.76
CAP 8IW D . 10.35 7.25 15.89
CAQ 8IW D . 11.69 7.36 15.25
CAS 8IW D . 8.34 7.44 16.98
CAT 8IW D . 9.52 8.17 16.68
CAU 8IW D . 9.80 9.58 17.16
CAV 8IW D . 9.45 9.90 18.45
CAW 8IW D . 9.65 11.20 18.95
CAX 8IW D . 10.25 12.21 18.13
CAY 8IW D . 10.63 11.89 16.82
CAZ 8IW D . 10.40 10.59 16.32
NAC 8IW D . 15.14 7.23 12.46
NAH 8IW D . 16.26 2.60 12.84
NAN 8IW D . 10.13 5.03 15.05
NAR 8IW D . 8.42 6.25 16.44
OAK 8IW D . 17.54 3.99 14.21
CBB 8IW D . 10.79 11.40 14.06
CBC 8IW D . 9.23 11.53 20.41
OBA 8IW D . 10.77 10.28 14.96
OBE 8IW D . 10.47 13.51 18.64
#